data_3GN8
#
_entry.id   3GN8
#
_cell.length_a   104.218
_cell.length_b   104.218
_cell.length_c   144.166
_cell.angle_alpha   90.00
_cell.angle_beta   90.00
_cell.angle_gamma   120.00
#
_symmetry.space_group_name_H-M   'P 61'
#
loop_
_entity.id
_entity.type
_entity.pdbx_description
1 polymer 'Glucocorticoid receptor 2'
2 polymer 'Nuclear receptor coactivator 2'
3 non-polymer DEXAMETHASONE
4 water water
#
loop_
_entity_poly.entity_id
_entity_poly.type
_entity_poly.pdbx_seq_one_letter_code
_entity_poly.pdbx_strand_id
1 'polypeptide(L)'
;APTLISLLEVIEPEVLYSGYDSTLPDTSTRLMSTLNRLGGRQVVSAVKWAKALPGFRNLHLDDQMTLLQYSWMSLMAFSL
GWRSYKQSNGNMLCFAPDLVINEERMQLPYMYDQCQQMLKISSEFVRLQVSYDEYLCMKVLLLLSTVPKDGLKSQAVFDE
IRMTYIKELGKAIVKREGNSSQNWQRFYQLTKLLDSMHEMVGGLLQFCFYTFVNKSLSVEFPEMLAEIISNQLPKFKAGS
VKPLLFHQK
;
A,B
2 'polypeptide(L)' PVSPKKKENALLRYLLDKDDT C,E
#
loop_
_chem_comp.id
_chem_comp.type
_chem_comp.name
_chem_comp.formula
DEX non-polymer DEXAMETHASONE 'C22 H29 F O5'
#
# COMPACT_ATOMS: atom_id res chain seq x y z
N ALA A 1 14.72 5.22 49.13
CA ALA A 1 14.42 4.27 48.03
C ALA A 1 13.37 4.92 47.11
N PRO A 2 13.74 5.27 45.85
CA PRO A 2 12.76 5.88 44.95
C PRO A 2 11.90 4.87 44.13
N THR A 3 10.80 5.41 43.57
CA THR A 3 9.72 4.62 42.97
C THR A 3 10.06 3.97 41.63
N LEU A 4 9.43 2.83 41.35
CA LEU A 4 9.50 2.14 40.07
C LEU A 4 9.15 3.03 38.87
N ILE A 5 8.22 3.96 39.06
CA ILE A 5 7.92 4.91 38.00
C ILE A 5 9.14 5.81 37.74
N SER A 6 9.79 6.27 38.81
CA SER A 6 10.95 7.12 38.61
C SER A 6 12.02 6.35 37.86
N LEU A 7 12.15 5.06 38.14
CA LEU A 7 13.06 4.23 37.38
C LEU A 7 12.67 4.19 35.89
N LEU A 8 11.40 3.89 35.62
CA LEU A 8 10.84 3.94 34.28
C LEU A 8 11.19 5.25 33.56
N GLU A 9 11.14 6.36 34.30
CA GLU A 9 11.47 7.68 33.75
C GLU A 9 12.94 7.80 33.36
N VAL A 10 13.81 7.19 34.16
CA VAL A 10 15.25 7.30 33.99
C VAL A 10 15.69 6.43 32.84
N ILE A 11 15.17 5.21 32.75
CA ILE A 11 15.60 4.29 31.69
C ILE A 11 14.95 4.52 30.33
N GLU A 12 14.11 5.54 30.20
CA GLU A 12 13.51 5.85 28.90
C GLU A 12 14.60 6.41 27.94
N PRO A 13 14.84 5.70 26.80
CA PRO A 13 15.87 6.10 25.83
C PRO A 13 15.59 7.50 25.28
N GLU A 14 16.62 8.31 25.09
CA GLU A 14 16.48 9.63 24.46
C GLU A 14 16.16 9.45 22.99
N VAL A 15 15.44 10.41 22.43
CA VAL A 15 15.04 10.35 21.04
C VAL A 15 16.29 10.38 20.14
N LEU A 16 16.32 9.48 19.15
CA LEU A 16 17.44 9.42 18.24
C LEU A 16 17.30 10.42 17.11
N TYR A 17 18.42 10.97 16.64
CA TYR A 17 18.39 11.70 15.36
C TYR A 17 18.55 10.73 14.18
N SER A 18 17.83 11.01 13.08
CA SER A 18 17.94 10.15 11.91
C SER A 18 19.15 10.50 11.03
N GLY A 19 19.48 11.78 10.96
CA GLY A 19 20.54 12.24 10.06
C GLY A 19 20.06 12.25 8.63
N TYR A 20 18.77 12.48 8.43
CA TYR A 20 18.20 12.47 7.09
C TYR A 20 18.59 13.75 6.39
N ASP A 21 19.08 13.61 5.17
CA ASP A 21 19.61 14.73 4.43
C ASP A 21 18.49 15.26 3.54
N SER A 22 17.87 16.35 3.95
CA SER A 22 16.78 16.90 3.17
C SER A 22 17.27 17.73 1.95
N THR A 23 18.57 17.70 1.67
CA THR A 23 19.09 18.44 0.50
C THR A 23 18.85 17.66 -0.80
N LEU A 24 18.76 16.33 -0.68
CA LEU A 24 18.23 15.46 -1.72
C LEU A 24 16.70 15.40 -1.53
N PRO A 25 15.91 15.23 -2.61
CA PRO A 25 14.46 15.39 -2.36
C PRO A 25 13.76 14.09 -1.91
N ASP A 26 12.55 14.22 -1.35
CA ASP A 26 11.78 13.11 -0.79
C ASP A 26 11.28 12.17 -1.90
N THR A 27 11.52 10.87 -1.74
CA THR A 27 10.76 9.84 -2.50
C THR A 27 10.21 8.80 -1.55
N SER A 28 9.20 8.05 -2.00
CA SER A 28 8.63 6.96 -1.19
C SER A 28 9.66 5.95 -0.76
N THR A 29 10.52 5.51 -1.69
CA THR A 29 11.53 4.49 -1.40
C THR A 29 12.55 5.00 -0.41
N ARG A 30 12.96 6.24 -0.58
CA ARG A 30 13.99 6.81 0.26
C ARG A 30 13.47 6.98 1.69
N LEU A 31 12.24 7.47 1.84
CA LEU A 31 11.65 7.72 3.13
C LEU A 31 11.50 6.44 3.94
N MET A 32 10.94 5.41 3.32
CA MET A 32 10.75 4.12 3.97
C MET A 32 12.07 3.46 4.37
N SER A 33 13.06 3.50 3.47
CA SER A 33 14.39 3.02 3.78
C SER A 33 15.02 3.76 4.98
N THR A 34 14.81 5.06 5.04
CA THR A 34 15.28 5.87 6.14
C THR A 34 14.56 5.49 7.44
N LEU A 35 13.24 5.35 7.36
CA LEU A 35 12.49 5.00 8.56
C LEU A 35 12.91 3.64 9.10
N ASN A 36 13.23 2.71 8.24
CA ASN A 36 13.63 1.41 8.72
C ASN A 36 14.99 1.44 9.37
N ARG A 37 15.86 2.25 8.79
CA ARG A 37 17.21 2.32 9.26
C ARG A 37 17.16 2.95 10.65
N LEU A 38 16.29 3.93 10.82
CA LEU A 38 16.04 4.52 12.12
C LEU A 38 15.38 3.54 13.11
N GLY A 39 14.45 2.73 12.61
CA GLY A 39 13.71 1.77 13.41
C GLY A 39 14.64 0.71 13.94
N GLY A 40 15.61 0.31 13.12
CA GLY A 40 16.61 -0.64 13.56
C GLY A 40 17.36 -0.11 14.78
N ARG A 41 17.72 1.17 14.74
CA ARG A 41 18.46 1.75 15.83
C ARG A 41 17.57 1.90 17.06
N GLN A 42 16.32 2.29 16.84
CA GLN A 42 15.35 2.38 17.94
C GLN A 42 15.10 1.01 18.62
N VAL A 43 15.08 -0.08 17.84
CA VAL A 43 14.84 -1.39 18.42
C VAL A 43 16.02 -1.79 19.29
N VAL A 44 17.23 -1.51 18.81
CA VAL A 44 18.42 -1.72 19.63
C VAL A 44 18.24 -1.05 20.98
N SER A 45 17.86 0.22 20.98
CA SER A 45 17.57 0.93 22.22
C SER A 45 16.53 0.21 23.05
N ALA A 46 15.51 -0.32 22.39
CA ALA A 46 14.41 -0.97 23.08
C ALA A 46 14.87 -2.24 23.81
N VAL A 47 15.77 -3.00 23.20
CA VAL A 47 16.32 -4.17 23.85
C VAL A 47 17.03 -3.79 25.17
N LYS A 48 17.85 -2.76 25.11
CA LYS A 48 18.55 -2.27 26.29
C LYS A 48 17.57 -1.73 27.37
N TRP A 49 16.48 -1.10 26.94
CA TRP A 49 15.43 -0.63 27.82
C TRP A 49 14.71 -1.79 28.55
N ALA A 50 14.27 -2.80 27.79
CA ALA A 50 13.62 -3.99 28.33
C ALA A 50 14.49 -4.67 29.40
N LYS A 51 15.78 -4.81 29.12
CA LYS A 51 16.74 -5.44 30.06
C LYS A 51 16.84 -4.73 31.41
N ALA A 52 16.48 -3.46 31.42
CA ALA A 52 16.50 -2.66 32.63
C ALA A 52 15.12 -2.62 33.32
N LEU A 53 14.12 -3.26 32.73
CA LEU A 53 12.82 -3.32 33.37
C LEU A 53 12.85 -4.35 34.47
N PRO A 54 12.62 -3.90 35.72
CA PRO A 54 12.57 -4.82 36.86
C PRO A 54 11.58 -5.93 36.54
N GLY A 55 12.04 -7.17 36.63
CA GLY A 55 11.20 -8.33 36.37
C GLY A 55 11.50 -9.03 35.06
N PHE A 56 11.81 -8.23 34.04
CA PHE A 56 12.01 -8.75 32.69
C PHE A 56 13.08 -9.85 32.61
N ARG A 57 14.19 -9.65 33.29
CA ARG A 57 15.29 -10.62 33.24
C ARG A 57 15.02 -11.91 34.03
N ASN A 58 13.98 -11.90 34.87
CA ASN A 58 13.55 -13.15 35.50
C ASN A 58 12.90 -14.07 34.50
N LEU A 59 12.42 -13.52 33.40
CA LEU A 59 11.81 -14.33 32.36
C LEU A 59 12.89 -15.16 31.71
N HIS A 60 12.52 -16.36 31.27
CA HIS A 60 13.37 -17.18 30.45
C HIS A 60 13.82 -16.41 29.23
N LEU A 61 15.04 -16.69 28.79
CA LEU A 61 15.63 -15.91 27.73
C LEU A 61 14.96 -16.10 26.37
N ASP A 62 14.23 -17.19 26.17
CA ASP A 62 13.47 -17.35 24.94
C ASP A 62 12.23 -16.49 25.00
N ASP A 63 11.73 -16.29 26.23
CA ASP A 63 10.53 -15.51 26.41
C ASP A 63 10.84 -14.04 26.21
N GLN A 64 11.95 -13.59 26.79
CA GLN A 64 12.47 -12.25 26.54
C GLN A 64 12.56 -11.99 25.03
N MET A 65 13.06 -12.97 24.29
CA MET A 65 13.27 -12.83 22.87
C MET A 65 11.93 -12.73 22.17
N THR A 66 11.07 -13.70 22.44
CA THR A 66 9.71 -13.75 21.89
C THR A 66 8.90 -12.46 22.06
N LEU A 67 8.85 -11.93 23.29
CA LEU A 67 8.08 -10.73 23.58
C LEU A 67 8.56 -9.53 22.75
N LEU A 68 9.88 -9.39 22.68
CA LEU A 68 10.49 -8.32 21.91
C LEU A 68 10.16 -8.43 20.42
N GLN A 69 10.23 -9.64 19.87
CA GLN A 69 9.91 -9.86 18.44
C GLN A 69 8.43 -9.66 18.14
N TYR A 70 7.59 -9.96 19.11
CA TYR A 70 6.13 -9.93 18.90
C TYR A 70 5.60 -8.49 19.02
N SER A 71 6.26 -7.67 19.81
CA SER A 71 5.71 -6.38 20.20
C SER A 71 6.49 -5.17 19.68
N TRP A 72 7.64 -5.41 19.06
CA TRP A 72 8.51 -4.30 18.61
C TRP A 72 7.78 -3.20 17.85
N MET A 73 6.87 -3.55 16.93
CA MET A 73 6.16 -2.53 16.15
C MET A 73 5.25 -1.66 17.02
N SER A 74 4.44 -2.30 17.88
CA SER A 74 3.59 -1.50 18.76
C SER A 74 4.41 -0.65 19.75
N LEU A 75 5.48 -1.19 20.29
CA LEU A 75 6.44 -0.38 21.06
C LEU A 75 6.85 0.93 20.33
N MET A 76 7.28 0.76 19.08
CA MET A 76 7.76 1.86 18.26
C MET A 76 6.70 2.82 17.79
N ALA A 77 5.52 2.30 17.48
CA ALA A 77 4.40 3.15 17.05
C ALA A 77 3.82 3.94 18.22
N PHE A 78 3.78 3.32 19.39
CA PHE A 78 3.38 4.01 20.62
C PHE A 78 4.29 5.22 20.91
N SER A 79 5.61 5.02 20.86
CA SER A 79 6.56 6.12 21.11
C SER A 79 6.43 7.20 20.06
N LEU A 80 6.31 6.77 18.80
CA LEU A 80 6.00 7.67 17.70
C LEU A 80 4.75 8.49 18.01
N GLY A 81 3.68 7.81 18.45
CA GLY A 81 2.45 8.49 18.86
C GLY A 81 2.72 9.52 19.95
N TRP A 82 3.57 9.17 20.91
CA TRP A 82 3.87 10.06 22.03
C TRP A 82 4.68 11.31 21.61
N ARG A 83 5.80 11.06 20.93
CA ARG A 83 6.61 12.13 20.39
C ARG A 83 5.78 13.09 19.53
N SER A 84 4.92 12.55 18.67
CA SER A 84 4.07 13.39 17.81
C SER A 84 3.06 14.22 18.57
N TYR A 85 2.62 13.69 19.72
CA TYR A 85 1.67 14.36 20.57
C TYR A 85 2.31 15.54 21.27
N LYS A 86 3.47 15.32 21.89
CA LYS A 86 4.23 16.41 22.49
C LYS A 86 4.78 17.41 21.46
N GLN A 87 5.27 16.93 20.33
CA GLN A 87 5.94 17.82 19.38
C GLN A 87 4.96 18.77 18.69
N SER A 88 3.77 18.29 18.30
CA SER A 88 2.87 19.08 17.45
C SER A 88 1.41 18.76 17.66
N ASN A 89 1.08 18.31 18.87
CA ASN A 89 -0.28 17.92 19.21
C ASN A 89 -0.95 16.98 18.21
N GLY A 90 -0.16 16.09 17.61
CA GLY A 90 -0.67 15.06 16.71
C GLY A 90 -0.90 15.52 15.28
N ASN A 91 -0.55 16.77 14.99
CA ASN A 91 -0.71 17.31 13.62
C ASN A 91 0.38 16.80 12.67
N MET A 92 1.51 16.40 13.24
CA MET A 92 2.66 15.93 12.46
C MET A 92 3.18 14.62 13.05
N LEU A 93 3.85 13.83 12.23
CA LEU A 93 4.61 12.70 12.70
C LEU A 93 6.07 13.09 13.03
N CYS A 94 6.43 13.07 14.32
CA CYS A 94 7.83 13.34 14.71
C CYS A 94 8.62 12.06 14.84
N PHE A 95 9.03 11.49 13.72
CA PHE A 95 9.93 10.32 13.73
C PHE A 95 11.24 10.61 14.44
N ALA A 96 11.78 11.80 14.19
CA ALA A 96 13.01 12.27 14.82
C ALA A 96 12.97 13.79 14.73
N PRO A 97 13.72 14.47 15.62
CA PRO A 97 13.65 15.94 15.53
C PRO A 97 14.15 16.49 14.19
N ASP A 98 14.85 15.67 13.42
CA ASP A 98 15.30 16.08 12.09
C ASP A 98 14.54 15.32 11.00
N LEU A 99 13.41 14.71 11.38
CA LEU A 99 12.59 13.94 10.45
C LEU A 99 11.15 14.03 10.91
N VAL A 100 10.54 15.15 10.54
CA VAL A 100 9.21 15.51 10.91
C VAL A 100 8.38 15.50 9.66
N ILE A 101 7.34 14.67 9.62
CA ILE A 101 6.44 14.64 8.47
C ILE A 101 5.19 15.45 8.76
N ASN A 102 5.04 16.58 8.06
CA ASN A 102 3.81 17.37 8.17
C ASN A 102 2.80 16.94 7.13
N GLU A 103 1.60 17.55 7.18
CA GLU A 103 0.52 17.17 6.27
C GLU A 103 1.02 17.19 4.82
N GLU A 104 1.66 18.29 4.44
CA GLU A 104 2.16 18.49 3.08
C GLU A 104 3.13 17.41 2.64
N ARG A 105 3.91 16.92 3.59
CA ARG A 105 4.95 15.95 3.33
C ARG A 105 4.43 14.51 3.24
N MET A 106 3.28 14.23 3.86
CA MET A 106 2.60 12.91 3.79
C MET A 106 1.88 12.68 2.47
N GLN A 107 1.83 13.73 1.63
CA GLN A 107 1.07 13.70 0.38
C GLN A 107 1.69 12.79 -0.71
N LEU A 108 2.82 12.17 -0.42
CA LEU A 108 3.39 11.16 -1.32
C LEU A 108 2.44 9.94 -1.43
N PRO A 109 2.04 9.58 -2.66
CA PRO A 109 1.06 8.49 -2.90
C PRO A 109 1.23 7.23 -2.07
N TYR A 110 2.44 6.69 -1.92
CA TYR A 110 2.55 5.43 -1.17
C TYR A 110 2.71 5.61 0.35
N MET A 111 3.12 6.80 0.75
CA MET A 111 3.26 7.18 2.14
C MET A 111 1.94 7.52 2.82
N TYR A 112 0.99 8.07 2.06
CA TYR A 112 -0.22 8.65 2.66
C TYR A 112 -0.97 7.74 3.63
N ASP A 113 -1.24 6.51 3.21
CA ASP A 113 -2.05 5.64 4.02
C ASP A 113 -1.35 5.16 5.29
N GLN A 114 -0.05 4.93 5.21
CA GLN A 114 0.70 4.54 6.38
C GLN A 114 0.78 5.70 7.40
N CYS A 115 0.94 6.92 6.91
CA CYS A 115 0.92 8.07 7.81
C CYS A 115 -0.42 8.27 8.52
N GLN A 116 -1.53 8.04 7.80
CA GLN A 116 -2.86 8.14 8.41
C GLN A 116 -2.97 7.13 9.52
N GLN A 117 -2.47 5.93 9.29
CA GLN A 117 -2.47 4.90 10.32
C GLN A 117 -1.65 5.27 11.56
N MET A 118 -0.43 5.78 11.37
CA MET A 118 0.40 6.23 12.48
C MET A 118 -0.19 7.46 13.18
N LEU A 119 -0.97 8.24 12.45
CA LEU A 119 -1.50 9.49 12.95
C LEU A 119 -2.63 9.21 13.93
N LYS A 120 -3.36 8.12 13.72
CA LYS A 120 -4.47 7.82 14.62
C LYS A 120 -3.99 7.42 16.01
N ILE A 121 -2.83 6.78 16.08
CA ILE A 121 -2.22 6.43 17.36
C ILE A 121 -2.00 7.71 18.17
N SER A 122 -1.41 8.73 17.55
CA SER A 122 -1.16 9.95 18.31
C SER A 122 -2.44 10.67 18.63
N SER A 123 -3.44 10.54 17.76
CA SER A 123 -4.71 11.20 18.04
C SER A 123 -5.40 10.65 19.31
N GLU A 124 -5.19 9.37 19.59
CA GLU A 124 -5.61 8.79 20.86
C GLU A 124 -4.95 9.44 22.06
N PHE A 125 -3.65 9.74 21.95
CA PHE A 125 -2.93 10.44 23.03
C PHE A 125 -3.52 11.83 23.26
N VAL A 126 -3.90 12.52 22.18
CA VAL A 126 -4.53 13.84 22.23
C VAL A 126 -5.89 13.72 22.87
N ARG A 127 -6.70 12.80 22.38
CA ARG A 127 -8.06 12.63 22.87
C ARG A 127 -8.09 12.37 24.37
N LEU A 128 -7.07 11.69 24.90
CA LEU A 128 -7.08 11.27 26.30
C LEU A 128 -6.14 12.08 27.19
N GLN A 129 -5.30 12.92 26.58
CA GLN A 129 -4.36 13.78 27.32
C GLN A 129 -3.55 12.87 28.22
N VAL A 130 -3.02 11.81 27.62
CA VAL A 130 -2.19 10.89 28.35
C VAL A 130 -1.04 11.67 28.99
N SER A 131 -0.74 11.32 30.24
CA SER A 131 0.39 11.88 30.95
C SER A 131 1.63 11.02 30.72
N TYR A 132 2.80 11.62 30.93
CA TYR A 132 4.06 10.94 30.71
C TYR A 132 4.12 9.58 31.41
N ASP A 133 3.82 9.55 32.72
CA ASP A 133 3.87 8.32 33.53
C ASP A 133 2.86 7.28 33.07
N GLU A 134 1.67 7.72 32.67
CA GLU A 134 0.68 6.81 32.08
C GLU A 134 1.27 6.15 30.83
N TYR A 135 1.84 6.97 29.93
CA TYR A 135 2.47 6.48 28.71
C TYR A 135 3.58 5.44 29.00
N LEU A 136 4.38 5.68 30.03
CA LEU A 136 5.51 4.79 30.33
C LEU A 136 5.03 3.42 30.81
N CYS A 137 3.97 3.42 31.62
CA CYS A 137 3.43 2.17 32.15
C CYS A 137 2.73 1.43 31.03
N MET A 138 1.94 2.13 30.23
CA MET A 138 1.30 1.49 29.10
C MET A 138 2.32 0.83 28.16
N LYS A 139 3.44 1.51 27.93
CA LYS A 139 4.46 1.00 27.03
C LYS A 139 5.02 -0.34 27.51
N VAL A 140 5.27 -0.48 28.82
CA VAL A 140 5.73 -1.80 29.26
C VAL A 140 4.64 -2.84 29.10
N LEU A 141 3.41 -2.45 29.37
CA LEU A 141 2.29 -3.36 29.15
C LEU A 141 2.21 -3.83 27.67
N LEU A 142 2.49 -2.94 26.73
CA LEU A 142 2.62 -3.32 25.30
C LEU A 142 3.67 -4.39 25.03
N LEU A 143 4.82 -4.25 25.66
CA LEU A 143 5.85 -5.25 25.58
C LEU A 143 5.32 -6.62 26.03
N LEU A 144 4.27 -6.61 26.86
CA LEU A 144 3.76 -7.83 27.51
C LEU A 144 2.39 -8.22 26.97
N SER A 145 2.07 -7.73 25.77
CA SER A 145 0.72 -7.83 25.22
C SER A 145 0.51 -8.85 24.08
N THR A 146 1.59 -9.39 23.51
CA THR A 146 1.42 -10.35 22.43
C THR A 146 2.27 -11.58 22.70
N VAL A 147 1.63 -12.74 22.69
CA VAL A 147 2.24 -13.98 23.14
C VAL A 147 1.94 -15.13 22.17
N PRO A 148 2.72 -16.22 22.24
CA PRO A 148 2.36 -17.37 21.40
C PRO A 148 1.11 -18.04 21.94
N LYS A 149 0.31 -18.63 21.06
CA LYS A 149 -0.83 -19.46 21.49
C LYS A 149 -0.42 -20.56 22.47
N ASP A 150 0.73 -21.20 22.23
CA ASP A 150 1.25 -22.29 23.08
C ASP A 150 1.86 -21.80 24.36
N GLY A 151 1.91 -20.48 24.51
CA GLY A 151 2.29 -19.88 25.78
C GLY A 151 3.78 -19.68 25.92
N LEU A 152 4.15 -19.32 27.13
CA LEU A 152 5.51 -18.91 27.43
C LEU A 152 6.16 -20.00 28.27
N LYS A 153 7.49 -19.94 28.37
CA LYS A 153 8.22 -20.97 29.10
C LYS A 153 8.36 -20.63 30.58
N SER A 154 8.08 -19.39 30.93
CA SER A 154 8.01 -19.00 32.31
C SER A 154 6.75 -18.18 32.47
N GLN A 155 5.62 -18.86 32.25
CA GLN A 155 4.30 -18.24 32.30
C GLN A 155 4.01 -17.54 33.63
N ALA A 156 4.45 -18.12 34.74
CA ALA A 156 4.09 -17.57 36.03
C ALA A 156 4.85 -16.29 36.34
N VAL A 157 6.13 -16.23 35.98
CA VAL A 157 6.86 -14.97 36.16
C VAL A 157 6.23 -13.88 35.29
N PHE A 158 5.83 -14.28 34.09
CA PHE A 158 5.15 -13.38 33.18
C PHE A 158 3.87 -12.83 33.78
N ASP A 159 3.05 -13.70 34.39
CA ASP A 159 1.80 -13.25 34.99
C ASP A 159 2.09 -12.30 36.12
N GLU A 160 3.13 -12.59 36.91
CA GLU A 160 3.47 -11.69 38.01
C GLU A 160 3.95 -10.35 37.51
N ILE A 161 4.78 -10.35 36.46
CA ILE A 161 5.24 -9.08 35.89
C ILE A 161 4.09 -8.20 35.34
N ARG A 162 3.16 -8.81 34.59
CA ARG A 162 1.95 -8.10 34.13
C ARG A 162 1.20 -7.45 35.31
N MET A 163 0.97 -8.20 36.38
CA MET A 163 0.33 -7.64 37.57
C MET A 163 1.10 -6.44 38.11
N THR A 164 2.41 -6.55 38.21
CA THR A 164 3.23 -5.44 38.71
C THR A 164 2.98 -4.18 37.90
N TYR A 165 3.02 -4.29 36.58
CA TYR A 165 2.87 -3.08 35.78
C TYR A 165 1.45 -2.57 35.63
N ILE A 166 0.46 -3.46 35.81
CA ILE A 166 -0.95 -3.03 35.91
C ILE A 166 -1.17 -2.11 37.14
N LYS A 167 -0.61 -2.50 38.28
CA LYS A 167 -0.69 -1.70 39.50
C LYS A 167 0.04 -0.38 39.31
N GLU A 168 1.19 -0.48 38.67
CA GLU A 168 2.02 0.67 38.37
C GLU A 168 1.27 1.68 37.50
N LEU A 169 0.52 1.17 36.53
CA LEU A 169 -0.40 1.98 35.75
C LEU A 169 -1.44 2.69 36.63
N GLY A 170 -1.95 1.97 37.65
CA GLY A 170 -2.79 2.57 38.69
C GLY A 170 -2.17 3.79 39.40
N LYS A 171 -0.91 3.66 39.78
CA LYS A 171 -0.19 4.77 40.43
C LYS A 171 0.03 5.96 39.51
N ALA A 172 0.32 5.69 38.24
CA ALA A 172 0.37 6.76 37.24
C ALA A 172 -0.98 7.52 37.17
N ILE A 173 -2.08 6.78 37.15
CA ILE A 173 -3.39 7.41 37.15
C ILE A 173 -3.60 8.33 38.37
N VAL A 174 -3.16 7.88 39.53
CA VAL A 174 -3.32 8.65 40.74
C VAL A 174 -2.50 9.95 40.72
N LYS A 175 -1.21 9.83 40.38
CA LYS A 175 -0.35 11.01 40.24
C LYS A 175 -0.99 12.04 39.32
N ARG A 176 -1.70 11.61 38.30
CA ARG A 176 -2.26 12.55 37.36
C ARG A 176 -3.49 13.28 37.88
N GLU A 177 -4.47 12.52 38.39
CA GLU A 177 -5.79 13.08 38.72
C GLU A 177 -6.05 13.39 40.21
N GLY A 178 -5.17 12.91 41.10
CA GLY A 178 -5.47 12.86 42.53
C GLY A 178 -6.34 11.66 42.89
N ASN A 179 -6.84 11.60 44.13
CA ASN A 179 -7.70 10.50 44.56
C ASN A 179 -9.16 10.72 44.16
N SER A 180 -9.42 10.82 42.86
CA SER A 180 -10.79 10.82 42.39
C SER A 180 -11.34 9.38 42.36
N SER A 181 -12.58 9.25 42.84
CA SER A 181 -13.28 7.97 42.77
C SER A 181 -13.81 7.66 41.34
N GLN A 182 -13.45 8.50 40.37
CA GLN A 182 -13.67 8.15 38.96
C GLN A 182 -12.35 7.72 38.26
N ASN A 183 -11.29 7.50 39.05
CA ASN A 183 -10.04 6.91 38.55
C ASN A 183 -10.30 5.55 37.90
N TRP A 184 -11.44 4.95 38.22
CA TRP A 184 -11.84 3.68 37.61
C TRP A 184 -12.22 3.85 36.13
N GLN A 185 -12.80 5.00 35.77
CA GLN A 185 -13.10 5.28 34.35
C GLN A 185 -11.82 5.40 33.53
N ARG A 186 -10.82 6.08 34.12
CA ARG A 186 -9.55 6.32 33.47
C ARG A 186 -8.84 5.00 33.23
N PHE A 187 -8.82 4.11 34.22
CA PHE A 187 -8.16 2.85 34.07
C PHE A 187 -8.81 2.12 32.92
N TYR A 188 -10.13 2.14 32.96
CA TYR A 188 -10.90 1.56 31.88
C TYR A 188 -10.51 2.13 30.51
N GLN A 189 -10.42 3.44 30.40
CA GLN A 189 -10.10 4.11 29.13
C GLN A 189 -8.72 3.75 28.61
N LEU A 190 -7.78 3.61 29.54
CA LEU A 190 -6.40 3.31 29.23
C LEU A 190 -6.19 1.88 28.80
N THR A 191 -6.87 0.92 29.44
CA THR A 191 -6.80 -0.48 28.99
C THR A 191 -7.48 -0.69 27.64
N LYS A 192 -8.43 0.16 27.34
CA LYS A 192 -9.17 0.08 26.09
C LYS A 192 -8.29 0.61 24.97
N LEU A 193 -7.44 1.58 25.31
CA LEU A 193 -6.47 2.10 24.36
C LEU A 193 -5.46 1.01 24.03
N LEU A 194 -4.98 0.31 25.06
CA LEU A 194 -4.04 -0.80 24.89
C LEU A 194 -4.59 -1.88 23.97
N ASP A 195 -5.80 -2.36 24.29
CA ASP A 195 -6.52 -3.27 23.40
C ASP A 195 -6.57 -2.76 21.95
N SER A 196 -6.86 -1.48 21.77
CA SER A 196 -7.05 -0.98 20.42
C SER A 196 -5.71 -0.89 19.65
N MET A 197 -4.59 -0.93 20.38
CA MET A 197 -3.27 -0.97 19.74
C MET A 197 -3.03 -2.19 18.83
N HIS A 198 -3.64 -3.33 19.11
CA HIS A 198 -3.49 -4.48 18.21
C HIS A 198 -4.04 -4.15 16.84
N GLU A 199 -5.23 -3.57 16.81
CA GLU A 199 -5.85 -3.27 15.55
C GLU A 199 -5.01 -2.20 14.84
N MET A 200 -4.75 -1.10 15.52
CA MET A 200 -3.97 0.02 14.95
C MET A 200 -2.60 -0.38 14.45
N VAL A 201 -1.97 -1.37 15.08
CA VAL A 201 -0.64 -1.81 14.68
C VAL A 201 -0.69 -2.80 13.52
N GLY A 202 -1.72 -3.64 13.48
CA GLY A 202 -1.96 -4.62 12.41
C GLY A 202 -1.84 -4.07 10.99
N GLY A 203 -2.38 -2.89 10.76
CA GLY A 203 -2.19 -2.21 9.49
C GLY A 203 -0.73 -1.87 9.18
N LEU A 204 0.02 -1.42 10.20
CA LEU A 204 1.45 -1.11 10.04
C LEU A 204 2.26 -2.38 9.82
N LEU A 205 1.90 -3.45 10.51
CA LEU A 205 2.56 -4.74 10.33
C LEU A 205 2.33 -5.29 8.93
N GLN A 206 1.17 -5.00 8.34
CA GLN A 206 0.87 -5.52 7.02
C GLN A 206 1.77 -4.84 5.98
N PHE A 207 1.84 -3.51 6.05
CA PHE A 207 2.76 -2.70 5.25
C PHE A 207 4.20 -3.16 5.41
N CYS A 208 4.61 -3.32 6.64
CA CYS A 208 5.95 -3.76 6.92
C CYS A 208 6.26 -5.15 6.31
N PHE A 209 5.38 -6.13 6.52
CA PHE A 209 5.59 -7.47 5.94
C PHE A 209 5.61 -7.41 4.41
N TYR A 210 4.66 -6.65 3.85
CA TYR A 210 4.54 -6.44 2.43
C TYR A 210 5.82 -5.85 1.81
N THR A 211 6.26 -4.69 2.33
CA THR A 211 7.47 -4.04 1.81
C THR A 211 8.74 -4.82 2.07
N PHE A 212 8.74 -5.71 3.06
CA PHE A 212 9.93 -6.54 3.35
C PHE A 212 10.06 -7.70 2.39
N VAL A 213 8.92 -8.18 1.92
CA VAL A 213 8.87 -9.38 1.14
C VAL A 213 8.83 -9.06 -0.36
N ASN A 214 8.04 -8.07 -0.74
CA ASN A 214 7.96 -7.67 -2.14
C ASN A 214 9.07 -6.68 -2.45
N LYS A 215 10.27 -7.22 -2.62
CA LYS A 215 11.49 -6.41 -2.73
C LYS A 215 11.62 -5.65 -4.06
N SER A 216 10.57 -5.68 -4.88
CA SER A 216 10.53 -4.93 -6.12
C SER A 216 10.29 -3.45 -5.83
N LEU A 217 9.89 -3.14 -4.59
CA LEU A 217 9.77 -1.76 -4.17
C LEU A 217 11.10 -1.16 -3.74
N SER A 218 12.13 -2.01 -3.63
CA SER A 218 13.51 -1.60 -3.28
C SER A 218 13.66 -0.99 -1.87
N VAL A 219 12.79 -1.38 -0.94
CA VAL A 219 12.85 -0.82 0.40
C VAL A 219 13.93 -1.52 1.19
N GLU A 220 14.86 -0.75 1.75
CA GLU A 220 15.93 -1.36 2.55
C GLU A 220 15.54 -1.55 4.02
N PHE A 221 16.02 -2.66 4.57
CA PHE A 221 15.84 -2.95 5.98
C PHE A 221 17.21 -3.23 6.61
N PRO A 222 17.46 -2.68 7.80
CA PRO A 222 18.72 -3.05 8.43
C PRO A 222 18.61 -4.45 9.02
N GLU A 223 19.77 -5.06 9.27
CA GLU A 223 19.89 -6.43 9.77
C GLU A 223 19.08 -6.68 11.05
N MET A 224 19.10 -5.70 11.96
CA MET A 224 18.32 -5.79 13.20
C MET A 224 16.82 -6.02 12.94
N LEU A 225 16.25 -5.26 12.00
CA LEU A 225 14.84 -5.37 11.63
C LEU A 225 14.52 -6.60 10.78
N ALA A 226 15.41 -6.89 9.82
CA ALA A 226 15.33 -8.11 9.02
C ALA A 226 15.28 -9.39 9.87
N GLU A 227 16.14 -9.48 10.88
CA GLU A 227 16.19 -10.65 11.75
C GLU A 227 14.83 -10.90 12.42
N ILE A 228 14.29 -9.86 13.05
CA ILE A 228 12.99 -9.92 13.68
C ILE A 228 11.84 -10.21 12.70
N ILE A 229 11.75 -9.44 11.62
CA ILE A 229 10.64 -9.60 10.69
C ILE A 229 10.60 -10.99 10.07
N SER A 230 11.75 -11.46 9.57
CA SER A 230 11.78 -12.74 8.87
C SER A 230 11.49 -13.87 9.85
N ASN A 231 11.70 -13.58 11.12
CA ASN A 231 11.37 -14.51 12.17
C ASN A 231 9.89 -14.46 12.52
N GLN A 232 9.27 -13.29 12.39
CA GLN A 232 7.89 -13.09 12.81
C GLN A 232 6.87 -13.34 11.73
N LEU A 233 7.28 -13.12 10.47
CA LEU A 233 6.45 -13.34 9.30
C LEU A 233 5.69 -14.69 9.32
N PRO A 234 6.42 -15.83 9.44
CA PRO A 234 5.70 -17.08 9.32
C PRO A 234 4.80 -17.37 10.53
N LYS A 235 5.14 -16.83 11.70
CA LYS A 235 4.31 -16.99 12.89
C LYS A 235 2.97 -16.26 12.77
N PHE A 236 3.01 -15.01 12.31
CA PHE A 236 1.80 -14.20 12.15
C PHE A 236 0.91 -14.71 11.02
N LYS A 237 1.56 -15.26 9.99
CA LYS A 237 0.89 -15.84 8.83
C LYS A 237 0.28 -17.19 9.18
N ALA A 238 0.96 -17.97 10.02
CA ALA A 238 0.43 -19.25 10.51
C ALA A 238 -0.66 -19.00 11.55
N GLY A 239 -1.08 -17.74 11.70
CA GLY A 239 -2.07 -17.32 12.69
C GLY A 239 -1.77 -17.79 14.12
N SER A 240 -0.48 -17.96 14.44
CA SER A 240 -0.05 -18.52 15.70
C SER A 240 0.17 -17.51 16.85
N VAL A 241 -0.13 -16.22 16.63
CA VAL A 241 0.07 -15.26 17.71
C VAL A 241 -1.23 -14.91 18.44
N LYS A 242 -1.12 -14.75 19.76
CA LYS A 242 -2.25 -14.39 20.61
C LYS A 242 -2.11 -12.96 21.20
N PRO A 243 -2.97 -12.03 20.75
CA PRO A 243 -3.05 -10.73 21.41
C PRO A 243 -3.76 -10.80 22.76
N LEU A 244 -3.15 -10.29 23.82
CA LEU A 244 -3.84 -10.22 25.09
C LEU A 244 -4.74 -8.99 25.10
N LEU A 245 -6.04 -9.21 25.36
CA LEU A 245 -7.02 -8.12 25.42
C LEU A 245 -7.64 -8.02 26.81
N PHE A 246 -7.71 -6.80 27.34
CA PHE A 246 -8.29 -6.55 28.65
C PHE A 246 -9.80 -6.72 28.66
N HIS A 247 -10.45 -6.42 27.55
CA HIS A 247 -11.91 -6.48 27.42
C HIS A 247 -12.28 -7.34 26.22
N GLN A 248 -13.21 -8.28 26.42
CA GLN A 248 -13.72 -9.10 25.31
C GLN A 248 -14.56 -8.22 24.40
N LYS A 249 -14.24 -8.25 23.10
CA LYS A 249 -14.74 -7.23 22.19
C LYS A 249 -16.13 -7.57 21.63
N ALA B 1 -15.27 -16.02 -43.25
CA ALA B 1 -14.12 -15.51 -44.06
C ALA B 1 -13.32 -14.34 -43.42
N PRO B 2 -13.98 -13.37 -42.75
CA PRO B 2 -13.21 -12.27 -42.14
C PRO B 2 -12.49 -12.66 -40.83
N THR B 3 -11.30 -12.08 -40.63
CA THR B 3 -10.34 -12.50 -39.60
C THR B 3 -10.66 -11.97 -38.20
N LEU B 4 -10.22 -12.70 -37.18
CA LEU B 4 -10.34 -12.28 -35.78
C LEU B 4 -9.78 -10.88 -35.54
N ILE B 5 -8.67 -10.55 -36.20
CA ILE B 5 -8.15 -9.22 -36.13
C ILE B 5 -9.18 -8.22 -36.66
N SER B 6 -9.72 -8.46 -37.86
CA SER B 6 -10.57 -7.46 -38.50
C SER B 6 -11.77 -7.14 -37.61
N LEU B 7 -12.22 -8.13 -36.86
CA LEU B 7 -13.24 -7.96 -35.86
C LEU B 7 -12.77 -6.93 -34.82
N LEU B 8 -11.59 -7.16 -34.25
CA LEU B 8 -11.02 -6.26 -33.26
C LEU B 8 -10.90 -4.82 -33.75
N GLU B 9 -10.68 -4.63 -35.05
CA GLU B 9 -10.67 -3.29 -35.63
C GLU B 9 -12.06 -2.70 -35.52
N VAL B 10 -13.06 -3.56 -35.72
CA VAL B 10 -14.45 -3.15 -35.78
C VAL B 10 -15.08 -2.91 -34.41
N ILE B 11 -14.76 -3.73 -33.42
CA ILE B 11 -15.29 -3.53 -32.05
C ILE B 11 -14.53 -2.51 -31.17
N GLU B 12 -13.48 -1.89 -31.70
CA GLU B 12 -12.73 -0.88 -30.95
C GLU B 12 -13.63 0.35 -30.76
N PRO B 13 -13.93 0.71 -29.48
CA PRO B 13 -14.79 1.87 -29.19
C PRO B 13 -14.24 3.12 -29.85
N GLU B 14 -15.12 3.99 -30.31
CA GLU B 14 -14.70 5.27 -30.88
C GLU B 14 -14.27 6.15 -29.70
N VAL B 15 -13.29 7.02 -29.94
CA VAL B 15 -12.80 7.92 -28.92
C VAL B 15 -13.90 8.88 -28.42
N LEU B 16 -14.08 8.90 -27.11
CA LEU B 16 -15.07 9.76 -26.47
C LEU B 16 -14.64 11.22 -26.35
N TYR B 17 -15.61 12.12 -26.31
CA TYR B 17 -15.34 13.52 -26.03
C TYR B 17 -15.58 13.81 -24.55
N SER B 18 -14.74 14.65 -23.97
CA SER B 18 -14.86 14.93 -22.54
C SER B 18 -15.97 15.94 -22.21
N GLY B 19 -16.16 16.91 -23.09
CA GLY B 19 -17.09 18.01 -22.86
C GLY B 19 -16.47 19.03 -21.94
N TYR B 20 -15.15 18.96 -21.78
CA TYR B 20 -14.44 19.83 -20.86
C TYR B 20 -14.59 21.26 -21.33
N ASP B 21 -15.00 22.12 -20.43
CA ASP B 21 -15.30 23.49 -20.77
C ASP B 21 -14.11 24.40 -20.40
N SER B 22 -13.23 24.65 -21.35
CA SER B 22 -12.05 25.44 -21.09
C SER B 22 -12.33 26.94 -20.90
N THR B 23 -13.61 27.32 -20.80
CA THR B 23 -13.90 28.73 -20.54
C THR B 23 -13.84 29.04 -19.05
N LEU B 24 -14.05 28.01 -18.23
CA LEU B 24 -13.82 28.10 -16.79
C LEU B 24 -12.30 27.94 -16.54
N PRO B 25 -11.77 28.47 -15.43
CA PRO B 25 -10.29 28.33 -15.32
C PRO B 25 -9.82 26.91 -14.89
N ASP B 26 -8.59 26.55 -15.23
CA ASP B 26 -8.01 25.24 -14.88
C ASP B 26 -7.62 25.15 -13.41
N THR B 27 -8.11 24.12 -12.71
CA THR B 27 -7.50 23.71 -11.44
C THR B 27 -7.20 22.20 -11.42
N SER B 28 -6.18 21.82 -10.65
CA SER B 28 -5.85 20.42 -10.40
C SER B 28 -7.04 19.59 -10.01
N THR B 29 -7.84 20.11 -9.09
CA THR B 29 -9.00 19.38 -8.62
C THR B 29 -9.99 19.15 -9.76
N ARG B 30 -10.20 20.18 -10.56
CA ARG B 30 -11.20 20.14 -11.62
C ARG B 30 -10.73 19.18 -12.72
N LEU B 31 -9.45 19.30 -13.07
CA LEU B 31 -8.84 18.46 -14.06
C LEU B 31 -8.83 16.97 -13.65
N MET B 32 -8.57 16.68 -12.38
CA MET B 32 -8.59 15.29 -11.93
C MET B 32 -10.01 14.75 -11.92
N SER B 33 -10.97 15.58 -11.51
CA SER B 33 -12.38 15.20 -11.57
C SER B 33 -12.88 14.94 -13.01
N THR B 34 -12.53 15.82 -13.94
CA THR B 34 -12.83 15.67 -15.36
C THR B 34 -12.26 14.34 -15.90
N LEU B 35 -11.01 14.06 -15.56
CA LEU B 35 -10.35 12.84 -16.04
C LEU B 35 -11.05 11.58 -15.54
N ASN B 36 -11.47 11.60 -14.27
CA ASN B 36 -12.24 10.51 -13.72
C ASN B 36 -13.62 10.34 -14.33
N ARG B 37 -14.30 11.44 -14.57
CA ARG B 37 -15.63 11.39 -15.17
C ARG B 37 -15.49 10.74 -16.56
N LEU B 38 -14.48 11.16 -17.31
CA LEU B 38 -14.23 10.59 -18.63
C LEU B 38 -13.92 9.10 -18.51
N GLY B 39 -13.18 8.75 -17.45
CA GLY B 39 -12.63 7.42 -17.29
C GLY B 39 -13.71 6.42 -16.96
N GLY B 40 -14.69 6.87 -16.18
CA GLY B 40 -15.86 6.08 -15.93
C GLY B 40 -16.63 5.74 -17.20
N ARG B 41 -16.69 6.68 -18.13
CA ARG B 41 -17.42 6.45 -19.38
C ARG B 41 -16.62 5.49 -20.25
N GLN B 42 -15.30 5.67 -20.28
CA GLN B 42 -14.41 4.77 -21.05
C GLN B 42 -14.49 3.33 -20.53
N VAL B 43 -14.61 3.18 -19.22
CA VAL B 43 -14.75 1.87 -18.65
C VAL B 43 -16.09 1.25 -19.05
N VAL B 44 -17.15 2.05 -19.14
CA VAL B 44 -18.40 1.54 -19.69
C VAL B 44 -18.19 1.01 -21.13
N SER B 45 -17.50 1.77 -21.98
CA SER B 45 -17.12 1.28 -23.31
C SER B 45 -16.35 -0.03 -23.25
N ALA B 46 -15.35 -0.11 -22.39
CA ALA B 46 -14.48 -1.28 -22.28
C ALA B 46 -15.22 -2.54 -21.84
N VAL B 47 -16.19 -2.41 -20.95
CA VAL B 47 -17.03 -3.53 -20.58
C VAL B 47 -17.80 -4.06 -21.80
N LYS B 48 -18.34 -3.15 -22.60
CA LYS B 48 -19.02 -3.56 -23.82
C LYS B 48 -18.03 -4.19 -24.81
N TRP B 49 -16.83 -3.67 -24.86
CA TRP B 49 -15.84 -4.14 -25.83
C TRP B 49 -15.43 -5.57 -25.48
N ALA B 50 -15.19 -5.81 -24.18
CA ALA B 50 -14.77 -7.10 -23.69
C ALA B 50 -15.78 -8.21 -24.00
N LYS B 51 -17.06 -7.93 -23.77
CA LYS B 51 -18.17 -8.87 -24.10
C LYS B 51 -18.19 -9.26 -25.58
N ALA B 52 -17.78 -8.34 -26.44
CA ALA B 52 -17.69 -8.57 -27.88
C ALA B 52 -16.45 -9.38 -28.32
N LEU B 53 -15.56 -9.71 -27.36
CA LEU B 53 -14.33 -10.48 -27.68
C LEU B 53 -14.59 -11.97 -27.70
N PRO B 54 -14.33 -12.60 -28.87
CA PRO B 54 -14.47 -14.04 -29.01
C PRO B 54 -13.73 -14.73 -27.87
N GLY B 55 -14.48 -15.50 -27.10
CA GLY B 55 -13.89 -16.28 -26.03
C GLY B 55 -14.24 -15.74 -24.68
N PHE B 56 -14.30 -14.41 -24.56
CA PHE B 56 -14.53 -13.76 -23.26
C PHE B 56 -15.81 -14.21 -22.60
N ARG B 57 -16.91 -14.27 -23.35
CA ARG B 57 -18.18 -14.73 -22.80
C ARG B 57 -18.12 -16.19 -22.35
N ASN B 58 -17.16 -16.96 -22.87
CA ASN B 58 -16.98 -18.36 -22.44
C ASN B 58 -16.48 -18.47 -20.99
N LEU B 59 -15.89 -17.40 -20.47
CA LEU B 59 -15.42 -17.38 -19.08
C LEU B 59 -16.58 -17.32 -18.10
N HIS B 60 -16.35 -17.76 -16.87
CA HIS B 60 -17.35 -17.63 -15.82
C HIS B 60 -17.54 -16.17 -15.42
N LEU B 61 -18.79 -15.78 -15.20
CA LEU B 61 -19.13 -14.38 -14.91
C LEU B 61 -18.24 -13.72 -13.83
N ASP B 62 -17.92 -14.47 -12.78
CA ASP B 62 -17.03 -13.98 -11.71
C ASP B 62 -15.66 -13.62 -12.25
N ASP B 63 -15.14 -14.47 -13.14
CA ASP B 63 -13.84 -14.25 -13.73
C ASP B 63 -13.86 -13.01 -14.59
N GLN B 64 -14.88 -12.90 -15.44
CA GLN B 64 -15.05 -11.75 -16.33
C GLN B 64 -14.96 -10.44 -15.54
N MET B 65 -15.64 -10.45 -14.40
CA MET B 65 -15.69 -9.34 -13.50
C MET B 65 -14.31 -9.13 -12.91
N THR B 66 -13.67 -10.19 -12.40
CA THR B 66 -12.32 -10.09 -11.87
C THR B 66 -11.32 -9.49 -12.86
N LEU B 67 -11.34 -9.97 -14.10
CA LEU B 67 -10.39 -9.51 -15.12
C LEU B 67 -10.53 -8.02 -15.39
N LEU B 68 -11.77 -7.57 -15.50
CA LEU B 68 -12.11 -6.19 -15.76
C LEU B 68 -11.70 -5.30 -14.58
N GLN B 69 -11.99 -5.75 -13.36
CA GLN B 69 -11.61 -4.99 -12.17
C GLN B 69 -10.10 -4.88 -12.03
N TYR B 70 -9.40 -5.93 -12.45
CA TYR B 70 -7.96 -5.98 -12.24
C TYR B 70 -7.20 -5.19 -13.29
N SER B 71 -7.75 -5.11 -14.50
CA SER B 71 -6.94 -4.64 -15.62
C SER B 71 -7.36 -3.31 -16.23
N TRP B 72 -8.42 -2.70 -15.69
CA TRP B 72 -9.01 -1.51 -16.28
C TRP B 72 -8.04 -0.33 -16.42
N MET B 73 -7.20 -0.13 -15.42
CA MET B 73 -6.27 0.98 -15.49
C MET B 73 -5.29 0.73 -16.62
N SER B 74 -4.89 -0.52 -16.80
CA SER B 74 -3.98 -0.92 -17.90
C SER B 74 -4.60 -0.66 -19.27
N LEU B 75 -5.85 -1.08 -19.44
CA LEU B 75 -6.59 -0.82 -20.67
C LEU B 75 -6.66 0.68 -20.99
N MET B 76 -7.15 1.47 -20.04
CA MET B 76 -7.32 2.90 -20.23
C MET B 76 -5.99 3.57 -20.55
N ALA B 77 -4.97 3.20 -19.79
CA ALA B 77 -3.65 3.80 -19.94
C ALA B 77 -3.02 3.40 -21.26
N PHE B 78 -3.22 2.16 -21.68
CA PHE B 78 -2.72 1.69 -22.97
C PHE B 78 -3.38 2.49 -24.09
N SER B 79 -4.69 2.72 -23.99
CA SER B 79 -5.42 3.50 -25.02
C SER B 79 -4.98 4.95 -25.05
N LEU B 80 -4.79 5.50 -23.85
CA LEU B 80 -4.29 6.84 -23.73
C LEU B 80 -2.94 6.93 -24.41
N GLY B 81 -2.07 5.95 -24.16
CA GLY B 81 -0.76 5.92 -24.80
C GLY B 81 -0.91 5.90 -26.30
N TRP B 82 -1.89 5.14 -26.78
CA TRP B 82 -2.08 5.01 -28.21
C TRP B 82 -2.57 6.31 -28.87
N ARG B 83 -3.64 6.91 -28.34
CA ARG B 83 -4.12 8.18 -28.89
C ARG B 83 -3.02 9.22 -28.85
N SER B 84 -2.24 9.25 -27.77
CA SER B 84 -1.18 10.24 -27.66
C SER B 84 -0.09 10.06 -28.68
N TYR B 85 0.12 8.81 -29.09
CA TYR B 85 1.18 8.47 -30.04
C TYR B 85 0.69 8.91 -31.42
N LYS B 86 -0.55 8.55 -31.74
CA LYS B 86 -1.14 8.95 -32.99
C LYS B 86 -1.40 10.46 -33.16
N GLN B 87 -1.88 11.15 -32.11
CA GLN B 87 -2.20 12.58 -32.28
C GLN B 87 -1.03 13.56 -32.19
N SER B 88 0.00 13.24 -31.39
CA SER B 88 1.07 14.22 -31.13
C SER B 88 2.45 13.58 -31.02
N ASN B 89 2.56 12.37 -31.57
CA ASN B 89 3.79 11.56 -31.47
C ASN B 89 4.40 11.47 -30.05
N GLY B 90 3.56 11.36 -29.03
CA GLY B 90 4.01 11.26 -27.64
C GLY B 90 4.41 12.54 -26.90
N ASN B 91 4.16 13.69 -27.54
CA ASN B 91 4.55 14.99 -26.96
C ASN B 91 3.52 15.50 -25.97
N MET B 92 2.27 15.16 -26.22
CA MET B 92 1.14 15.58 -25.40
C MET B 92 0.27 14.37 -25.06
N LEU B 93 -0.52 14.48 -23.99
CA LEU B 93 -1.55 13.50 -23.64
C LEU B 93 -2.92 13.83 -24.26
N CYS B 94 -3.40 13.01 -25.20
CA CYS B 94 -4.74 13.17 -25.79
C CYS B 94 -5.76 12.33 -25.06
N PHE B 95 -6.25 12.82 -23.92
CA PHE B 95 -7.30 12.14 -23.21
C PHE B 95 -8.54 12.09 -24.11
N ALA B 96 -8.79 13.19 -24.80
CA ALA B 96 -9.94 13.30 -25.70
C ALA B 96 -9.63 14.39 -26.69
N PRO B 97 -10.31 14.39 -27.86
CA PRO B 97 -9.98 15.48 -28.80
C PRO B 97 -10.29 16.87 -28.22
N ASP B 98 -11.08 16.94 -27.15
CA ASP B 98 -11.36 18.22 -26.51
C ASP B 98 -10.65 18.39 -25.17
N LEU B 99 -9.71 17.48 -24.88
CA LEU B 99 -8.93 17.55 -23.64
C LEU B 99 -7.53 17.01 -23.90
N VAL B 100 -6.68 17.93 -24.35
CA VAL B 100 -5.32 17.64 -24.72
C VAL B 100 -4.40 18.40 -23.77
N ILE B 101 -3.59 17.65 -23.05
CA ILE B 101 -2.72 18.24 -22.07
C ILE B 101 -1.30 18.49 -22.61
N ASN B 102 -0.92 19.77 -22.64
CA ASN B 102 0.40 20.29 -23.00
C ASN B 102 1.41 20.10 -21.90
N GLU B 103 2.70 20.15 -22.24
CA GLU B 103 3.73 20.19 -21.20
C GLU B 103 3.52 21.46 -20.37
N GLU B 104 3.22 22.55 -21.06
CA GLU B 104 2.91 23.80 -20.38
C GLU B 104 1.79 23.53 -19.38
N ARG B 105 0.67 23.02 -19.88
CA ARG B 105 -0.52 22.78 -19.09
C ARG B 105 -0.31 21.70 -18.01
N MET B 106 0.78 20.96 -18.14
CA MET B 106 1.15 19.84 -17.28
C MET B 106 1.78 20.29 -15.97
N GLN B 107 2.05 21.59 -15.87
CA GLN B 107 2.84 22.16 -14.78
C GLN B 107 2.03 22.46 -13.52
N LEU B 108 0.70 22.53 -13.67
CA LEU B 108 -0.24 22.65 -12.54
C LEU B 108 0.17 21.79 -11.32
N PRO B 109 -0.15 22.25 -10.09
CA PRO B 109 0.35 21.64 -8.84
C PRO B 109 0.58 20.12 -8.86
N TYR B 110 -0.44 19.34 -8.57
CA TYR B 110 -0.23 17.92 -8.35
C TYR B 110 0.05 17.10 -9.63
N MET B 111 0.04 17.77 -10.79
CA MET B 111 -0.07 17.09 -12.10
C MET B 111 1.20 16.44 -12.63
N TYR B 112 2.32 17.16 -12.57
CA TYR B 112 3.55 16.76 -13.24
C TYR B 112 3.93 15.26 -13.20
N ASP B 113 3.95 14.65 -12.02
CA ASP B 113 4.40 13.25 -11.89
C ASP B 113 3.48 12.22 -12.54
N GLN B 114 2.17 12.35 -12.37
CA GLN B 114 1.18 11.49 -13.03
C GLN B 114 1.37 11.55 -14.54
N CYS B 115 1.54 12.75 -15.05
CA CYS B 115 1.58 12.97 -16.48
C CYS B 115 2.82 12.37 -17.10
N GLN B 116 3.94 12.48 -16.37
CA GLN B 116 5.19 11.89 -16.82
C GLN B 116 5.03 10.39 -16.90
N GLN B 117 4.45 9.79 -15.87
CA GLN B 117 4.11 8.38 -15.94
C GLN B 117 3.29 8.01 -17.19
N MET B 118 2.28 8.81 -17.52
CA MET B 118 1.41 8.50 -18.66
C MET B 118 2.11 8.71 -20.01
N LEU B 119 3.01 9.69 -20.07
CA LEU B 119 3.81 9.95 -21.27
C LEU B 119 4.70 8.76 -21.62
N LYS B 120 5.11 8.06 -20.57
CA LYS B 120 6.06 6.97 -20.65
C LYS B 120 5.51 5.87 -21.58
N ILE B 121 4.22 5.59 -21.42
CA ILE B 121 3.56 4.56 -22.17
C ILE B 121 3.56 4.94 -23.65
N SER B 122 3.19 6.17 -23.98
CA SER B 122 3.15 6.53 -25.39
C SER B 122 4.55 6.53 -26.01
N SER B 123 5.57 6.91 -25.24
CA SER B 123 6.94 6.93 -25.77
C SER B 123 7.44 5.52 -26.15
N GLU B 124 6.93 4.51 -25.45
CA GLU B 124 7.17 3.13 -25.84
C GLU B 124 6.58 2.76 -27.20
N PHE B 125 5.37 3.24 -27.49
CA PHE B 125 4.76 3.09 -28.83
C PHE B 125 5.66 3.73 -29.87
N VAL B 126 6.19 4.91 -29.54
CA VAL B 126 7.07 5.68 -30.42
C VAL B 126 8.36 4.91 -30.72
N ARG B 127 9.03 4.45 -29.67
CA ARG B 127 10.26 3.67 -29.77
C ARG B 127 10.09 2.43 -30.65
N LEU B 128 8.97 1.72 -30.46
CA LEU B 128 8.75 0.43 -31.13
C LEU B 128 7.95 0.58 -32.42
N GLN B 129 7.47 1.80 -32.70
CA GLN B 129 6.63 2.07 -33.88
C GLN B 129 5.51 1.04 -33.99
N VAL B 130 4.80 0.81 -32.89
CA VAL B 130 3.74 -0.17 -32.87
C VAL B 130 2.69 0.11 -33.94
N SER B 131 2.17 -0.94 -34.55
CA SER B 131 1.15 -0.80 -35.56
C SER B 131 -0.23 -0.98 -34.94
N TYR B 132 -1.26 -0.53 -35.66
CA TYR B 132 -2.62 -0.57 -35.15
C TYR B 132 -3.02 -1.95 -34.66
N ASP B 133 -2.82 -2.97 -35.48
CA ASP B 133 -3.19 -4.34 -35.13
C ASP B 133 -2.35 -4.95 -34.01
N GLU B 134 -1.07 -4.59 -33.92
CA GLU B 134 -0.23 -5.03 -32.82
C GLU B 134 -0.84 -4.50 -31.53
N TYR B 135 -1.22 -3.22 -31.57
CA TYR B 135 -1.83 -2.56 -30.41
C TYR B 135 -3.15 -3.20 -29.97
N LEU B 136 -3.97 -3.63 -30.92
CA LEU B 136 -5.25 -4.23 -30.56
C LEU B 136 -5.08 -5.58 -29.89
N CYS B 137 -4.09 -6.34 -30.36
CA CYS B 137 -3.85 -7.69 -29.86
C CYS B 137 -3.24 -7.61 -28.46
N MET B 138 -2.33 -6.67 -28.27
CA MET B 138 -1.74 -6.42 -26.96
C MET B 138 -2.77 -5.96 -25.97
N LYS B 139 -3.73 -5.15 -26.42
CA LYS B 139 -4.74 -4.61 -25.53
C LYS B 139 -5.60 -5.76 -24.98
N VAL B 140 -5.93 -6.72 -25.84
CA VAL B 140 -6.66 -7.91 -25.38
C VAL B 140 -5.86 -8.66 -24.32
N LEU B 141 -4.61 -8.96 -24.63
CA LEU B 141 -3.70 -9.64 -23.69
C LEU B 141 -3.58 -8.90 -22.33
N LEU B 142 -3.61 -7.56 -22.36
CA LEU B 142 -3.65 -6.74 -21.12
C LEU B 142 -4.86 -7.08 -20.26
N LEU B 143 -6.01 -7.22 -20.90
CA LEU B 143 -7.20 -7.59 -20.18
C LEU B 143 -6.99 -8.93 -19.46
N LEU B 144 -6.06 -9.73 -19.98
CA LEU B 144 -5.83 -11.11 -19.52
C LEU B 144 -4.52 -11.25 -18.74
N SER B 145 -4.04 -10.14 -18.18
CA SER B 145 -2.70 -10.09 -17.59
C SER B 145 -2.61 -10.01 -16.08
N THR B 146 -3.73 -9.80 -15.40
CA THR B 146 -3.72 -9.69 -13.96
C THR B 146 -4.81 -10.61 -13.39
N VAL B 147 -4.40 -11.53 -12.53
CA VAL B 147 -5.28 -12.58 -12.02
C VAL B 147 -5.12 -12.73 -10.50
N PRO B 148 -6.13 -13.32 -9.82
CA PRO B 148 -6.01 -13.56 -8.37
C PRO B 148 -4.85 -14.52 -8.10
N LYS B 149 -4.09 -14.28 -7.04
CA LYS B 149 -3.01 -15.21 -6.64
C LYS B 149 -3.41 -16.68 -6.57
N ASP B 150 -4.68 -16.97 -6.33
CA ASP B 150 -5.12 -18.36 -6.31
C ASP B 150 -6.11 -18.70 -7.42
N GLY B 151 -5.90 -18.11 -8.59
CA GLY B 151 -6.55 -18.57 -9.80
C GLY B 151 -7.98 -18.13 -10.00
N LEU B 152 -8.50 -18.48 -11.17
CA LEU B 152 -9.82 -18.12 -11.59
C LEU B 152 -10.76 -19.30 -11.40
N LYS B 153 -12.00 -19.14 -11.86
CA LYS B 153 -12.98 -20.21 -11.78
C LYS B 153 -12.97 -21.02 -13.07
N SER B 154 -12.65 -20.36 -14.19
CA SER B 154 -12.54 -20.99 -15.50
C SER B 154 -11.11 -21.02 -16.01
N GLN B 155 -10.20 -21.51 -15.18
CA GLN B 155 -8.77 -21.50 -15.50
C GLN B 155 -8.47 -22.01 -16.92
N ALA B 156 -9.14 -23.08 -17.34
CA ALA B 156 -8.79 -23.73 -18.61
C ALA B 156 -9.28 -22.96 -19.82
N VAL B 157 -10.48 -22.42 -19.73
CA VAL B 157 -10.97 -21.55 -20.79
C VAL B 157 -10.09 -20.30 -20.92
N PHE B 158 -9.65 -19.79 -19.78
CA PHE B 158 -8.79 -18.62 -19.72
C PHE B 158 -7.51 -18.92 -20.48
N ASP B 159 -6.86 -20.01 -20.08
CA ASP B 159 -5.61 -20.49 -20.68
C ASP B 159 -5.68 -20.59 -22.20
N GLU B 160 -6.77 -21.13 -22.72
CA GLU B 160 -6.93 -21.23 -24.16
C GLU B 160 -7.15 -19.86 -24.80
N ILE B 161 -7.94 -19.00 -24.16
CA ILE B 161 -8.12 -17.64 -24.67
C ILE B 161 -6.79 -16.88 -24.86
N ARG B 162 -5.94 -16.90 -23.83
CA ARG B 162 -4.60 -16.33 -23.94
C ARG B 162 -3.81 -16.86 -25.16
N MET B 163 -3.80 -18.18 -25.35
CA MET B 163 -3.19 -18.79 -26.54
C MET B 163 -3.77 -18.24 -27.84
N THR B 164 -5.10 -18.13 -27.91
CA THR B 164 -5.74 -17.53 -29.09
C THR B 164 -5.13 -16.16 -29.36
N TYR B 165 -5.03 -15.33 -28.32
CA TYR B 165 -4.56 -13.97 -28.55
C TYR B 165 -3.06 -13.84 -28.67
N ILE B 166 -2.31 -14.77 -28.11
CA ILE B 166 -0.86 -14.82 -28.39
C ILE B 166 -0.62 -15.12 -29.88
N LYS B 167 -1.39 -16.04 -30.45
CA LYS B 167 -1.30 -16.33 -31.88
C LYS B 167 -1.75 -15.14 -32.73
N GLU B 168 -2.86 -14.49 -32.33
CA GLU B 168 -3.31 -13.29 -33.07
C GLU B 168 -2.28 -12.18 -33.08
N LEU B 169 -1.59 -11.97 -31.95
CA LEU B 169 -0.45 -11.07 -31.89
C LEU B 169 0.62 -11.41 -32.93
N GLY B 170 0.95 -12.69 -33.05
CA GLY B 170 1.81 -13.20 -34.13
C GLY B 170 1.29 -12.84 -35.51
N LYS B 171 -0.02 -13.00 -35.73
CA LYS B 171 -0.66 -12.53 -36.98
C LYS B 171 -0.42 -11.03 -37.18
N ALA B 172 -0.70 -10.22 -36.16
CA ALA B 172 -0.45 -8.79 -36.26
C ALA B 172 0.98 -8.47 -36.63
N ILE B 173 1.92 -9.21 -36.05
CA ILE B 173 3.34 -9.04 -36.37
C ILE B 173 3.64 -9.29 -37.86
N VAL B 174 3.04 -10.34 -38.44
CA VAL B 174 3.27 -10.73 -39.84
C VAL B 174 2.74 -9.68 -40.83
N LYS B 175 1.55 -9.14 -40.56
CA LYS B 175 0.98 -8.05 -41.35
C LYS B 175 1.89 -6.82 -41.39
N ARG B 176 2.51 -6.49 -40.28
CA ARG B 176 3.32 -5.29 -40.23
C ARG B 176 4.66 -5.41 -40.97
N GLU B 177 5.29 -6.59 -40.91
CA GLU B 177 6.65 -6.74 -41.43
C GLU B 177 6.85 -7.61 -42.67
N GLY B 178 5.82 -8.35 -43.06
CA GLY B 178 5.96 -9.44 -44.04
C GLY B 178 6.64 -10.65 -43.41
N ASN B 179 7.10 -11.58 -44.24
CA ASN B 179 7.70 -12.84 -43.74
C ASN B 179 9.15 -12.74 -43.23
N SER B 180 9.47 -11.68 -42.48
CA SER B 180 10.83 -11.50 -41.97
C SER B 180 11.25 -12.59 -40.98
N SER B 181 12.55 -12.88 -40.97
CA SER B 181 13.14 -13.94 -40.15
C SER B 181 13.53 -13.44 -38.75
N GLN B 182 13.44 -12.12 -38.55
CA GLN B 182 13.63 -11.50 -37.23
C GLN B 182 12.27 -11.12 -36.57
N ASN B 183 11.19 -11.75 -37.03
CA ASN B 183 9.88 -11.61 -36.41
C ASN B 183 9.84 -12.15 -34.98
N TRP B 184 10.71 -13.14 -34.71
CA TRP B 184 10.87 -13.64 -33.35
C TRP B 184 11.34 -12.53 -32.43
N GLN B 185 12.16 -11.62 -32.98
CA GLN B 185 12.68 -10.51 -32.20
C GLN B 185 11.52 -9.56 -31.81
N ARG B 186 10.65 -9.29 -32.78
CA ARG B 186 9.54 -8.39 -32.57
C ARG B 186 8.62 -8.93 -31.48
N PHE B 187 8.38 -10.24 -31.52
CA PHE B 187 7.49 -10.86 -30.55
C PHE B 187 8.09 -10.72 -29.14
N TYR B 188 9.40 -10.90 -29.07
CA TYR B 188 10.08 -10.75 -27.82
C TYR B 188 9.97 -9.30 -27.32
N GLN B 189 10.17 -8.34 -28.20
CA GLN B 189 10.01 -6.93 -27.86
C GLN B 189 8.60 -6.55 -27.34
N LEU B 190 7.57 -7.04 -28.02
CA LEU B 190 6.19 -6.75 -27.61
C LEU B 190 5.77 -7.39 -26.27
N THR B 191 6.27 -8.60 -25.99
CA THR B 191 5.94 -9.23 -24.72
C THR B 191 6.73 -8.56 -23.62
N LYS B 192 7.90 -8.03 -23.95
CA LYS B 192 8.65 -7.19 -23.02
C LYS B 192 7.82 -5.95 -22.73
N LEU B 193 7.21 -5.39 -23.77
CA LEU B 193 6.38 -4.21 -23.58
C LEU B 193 5.21 -4.53 -22.65
N LEU B 194 4.55 -5.64 -22.92
CA LEU B 194 3.46 -6.11 -22.09
C LEU B 194 3.88 -6.26 -20.65
N ASP B 195 5.01 -6.93 -20.44
CA ASP B 195 5.55 -7.11 -19.11
C ASP B 195 5.76 -5.78 -18.40
N SER B 196 6.31 -4.79 -19.10
CA SER B 196 6.60 -3.53 -18.43
C SER B 196 5.34 -2.71 -18.11
N MET B 197 4.22 -3.00 -18.76
CA MET B 197 2.96 -2.36 -18.44
C MET B 197 2.59 -2.44 -16.95
N HIS B 198 2.88 -3.57 -16.31
CA HIS B 198 2.61 -3.73 -14.88
C HIS B 198 3.30 -2.67 -14.02
N GLU B 199 4.59 -2.44 -14.27
CA GLU B 199 5.32 -1.46 -13.49
C GLU B 199 4.89 -0.06 -13.89
N MET B 200 4.79 0.15 -15.19
CA MET B 200 4.42 1.42 -15.76
C MET B 200 3.03 1.88 -15.28
N VAL B 201 2.17 0.93 -14.95
CA VAL B 201 0.79 1.21 -14.58
C VAL B 201 0.63 1.28 -13.05
N GLY B 202 1.56 0.62 -12.34
CA GLY B 202 1.57 0.59 -10.87
C GLY B 202 1.51 1.98 -10.28
N GLY B 203 2.36 2.87 -10.79
CA GLY B 203 2.35 4.27 -10.37
C GLY B 203 1.00 4.93 -10.57
N LEU B 204 0.43 4.80 -11.77
CA LEU B 204 -0.89 5.35 -12.07
C LEU B 204 -1.93 4.84 -11.09
N LEU B 205 -1.85 3.55 -10.79
CA LEU B 205 -2.84 2.92 -9.96
C LEU B 205 -2.71 3.43 -8.53
N GLN B 206 -1.48 3.57 -8.06
CA GLN B 206 -1.29 4.04 -6.71
C GLN B 206 -1.80 5.49 -6.59
N PHE B 207 -1.48 6.30 -7.59
CA PHE B 207 -1.98 7.65 -7.60
C PHE B 207 -3.51 7.70 -7.53
N CYS B 208 -4.15 6.82 -8.29
CA CYS B 208 -5.58 6.69 -8.26
C CYS B 208 -6.10 6.31 -6.86
N PHE B 209 -5.57 5.23 -6.28
CA PHE B 209 -5.97 4.83 -4.92
C PHE B 209 -5.83 5.99 -3.92
N TYR B 210 -4.69 6.68 -3.99
CA TYR B 210 -4.44 7.84 -3.17
C TYR B 210 -5.49 8.95 -3.29
N THR B 211 -5.82 9.37 -4.52
CA THR B 211 -6.79 10.46 -4.69
C THR B 211 -8.19 10.00 -4.33
N PHE B 212 -8.43 8.71 -4.47
CA PHE B 212 -9.69 8.14 -4.04
C PHE B 212 -9.86 8.14 -2.52
N VAL B 213 -8.76 8.00 -1.80
CA VAL B 213 -8.85 7.79 -0.38
C VAL B 213 -8.67 9.10 0.40
N ASN B 214 -7.81 9.97 -0.10
CA ASN B 214 -7.59 11.26 0.54
C ASN B 214 -8.71 12.24 0.15
N LYS B 215 -9.81 12.14 0.88
CA LYS B 215 -11.00 12.98 0.67
C LYS B 215 -10.72 14.48 0.74
N SER B 216 -9.69 14.89 1.47
CA SER B 216 -9.39 16.32 1.59
C SER B 216 -8.93 16.95 0.27
N LEU B 217 -8.59 16.10 -0.72
CA LEU B 217 -8.22 16.58 -2.05
C LEU B 217 -9.44 16.95 -2.89
N SER B 218 -10.62 16.49 -2.45
CA SER B 218 -11.90 16.79 -3.13
C SER B 218 -12.04 16.23 -4.57
N VAL B 219 -11.20 15.27 -4.98
CA VAL B 219 -11.27 14.72 -6.33
C VAL B 219 -12.55 13.89 -6.52
N GLU B 220 -13.32 14.17 -7.56
CA GLU B 220 -14.57 13.44 -7.81
C GLU B 220 -14.34 12.19 -8.64
N PHE B 221 -15.02 11.11 -8.25
CA PHE B 221 -15.03 9.86 -8.99
C PHE B 221 -16.48 9.50 -9.34
N PRO B 222 -16.74 9.16 -10.61
CA PRO B 222 -18.08 8.66 -10.94
C PRO B 222 -18.26 7.26 -10.35
N GLU B 223 -19.50 6.81 -10.30
CA GLU B 223 -19.85 5.57 -9.65
C GLU B 223 -19.25 4.28 -10.26
N MET B 224 -19.11 4.27 -11.58
CA MET B 224 -18.48 3.15 -12.26
C MET B 224 -17.08 2.92 -11.67
N LEU B 225 -16.31 4.00 -11.54
CA LEU B 225 -14.95 3.96 -11.02
C LEU B 225 -14.90 3.70 -9.53
N ALA B 226 -15.77 4.35 -8.77
CA ALA B 226 -15.79 4.15 -7.33
C ALA B 226 -16.07 2.68 -6.99
N GLU B 227 -16.97 2.06 -7.74
CA GLU B 227 -17.33 0.68 -7.49
C GLU B 227 -16.15 -0.26 -7.78
N ILE B 228 -15.46 -0.04 -8.89
CA ILE B 228 -14.30 -0.86 -9.19
C ILE B 228 -13.18 -0.60 -8.20
N ILE B 229 -12.91 0.66 -7.90
CA ILE B 229 -11.77 0.99 -7.06
C ILE B 229 -11.91 0.45 -5.65
N SER B 230 -13.08 0.63 -5.06
CA SER B 230 -13.29 0.20 -3.67
C SER B 230 -13.23 -1.31 -3.51
N ASN B 231 -13.53 -2.03 -4.59
CA ASN B 231 -13.42 -3.48 -4.64
C ASN B 231 -11.97 -3.96 -4.84
N GLN B 232 -11.25 -3.24 -5.68
CA GLN B 232 -9.87 -3.56 -6.07
C GLN B 232 -8.89 -3.27 -4.92
N LEU B 233 -9.15 -2.20 -4.17
CA LEU B 233 -8.22 -1.65 -3.20
C LEU B 233 -7.84 -2.53 -1.98
N PRO B 234 -8.82 -3.26 -1.38
CA PRO B 234 -8.37 -4.19 -0.33
C PRO B 234 -7.55 -5.36 -0.90
N LYS B 235 -7.93 -5.86 -2.08
CA LYS B 235 -7.23 -6.97 -2.74
C LYS B 235 -5.75 -6.70 -3.00
N PHE B 236 -5.43 -5.45 -3.35
CA PHE B 236 -4.05 -5.06 -3.59
C PHE B 236 -3.22 -4.98 -2.32
N LYS B 237 -3.78 -4.37 -1.28
CA LYS B 237 -3.01 -4.23 -0.06
C LYS B 237 -2.87 -5.58 0.66
N ALA B 238 -3.79 -6.51 0.37
CA ALA B 238 -3.69 -7.86 0.92
C ALA B 238 -2.52 -8.63 0.29
N GLY B 239 -2.10 -8.22 -0.91
CA GLY B 239 -1.08 -8.95 -1.67
C GLY B 239 -1.70 -10.09 -2.46
N SER B 240 -2.99 -9.99 -2.73
CA SER B 240 -3.76 -11.06 -3.32
C SER B 240 -3.76 -11.13 -4.87
N VAL B 241 -3.09 -10.18 -5.54
CA VAL B 241 -3.14 -10.12 -7.02
C VAL B 241 -1.82 -10.47 -7.72
N LYS B 242 -1.92 -11.29 -8.76
CA LYS B 242 -0.75 -11.79 -9.48
C LYS B 242 -0.69 -11.24 -10.92
N PRO B 243 0.35 -10.44 -11.21
CA PRO B 243 0.63 -10.06 -12.60
C PRO B 243 1.28 -11.21 -13.39
N LEU B 244 0.65 -11.60 -14.49
CA LEU B 244 1.22 -12.57 -15.43
C LEU B 244 2.37 -11.93 -16.17
N LEU B 245 3.57 -12.51 -16.05
CA LEU B 245 4.78 -11.99 -16.70
C LEU B 245 5.34 -12.96 -17.71
N PHE B 246 5.67 -12.48 -18.91
CA PHE B 246 6.18 -13.36 -19.97
C PHE B 246 7.61 -13.82 -19.69
N HIS B 247 8.40 -12.94 -19.07
CA HIS B 247 9.79 -13.20 -18.75
C HIS B 247 10.02 -12.92 -17.28
N GLN B 248 10.50 -13.90 -16.53
CA GLN B 248 10.83 -13.66 -15.12
C GLN B 248 12.02 -12.69 -15.02
N LYS B 249 11.94 -11.74 -14.10
CA LYS B 249 13.03 -10.79 -13.86
C LYS B 249 14.33 -11.55 -13.51
N ASN C 9 18.80 -16.40 15.53
CA ASN C 9 18.58 -14.94 15.75
C ASN C 9 19.80 -14.34 16.44
N ALA C 10 20.92 -14.39 15.73
CA ALA C 10 22.22 -14.09 16.30
C ALA C 10 22.27 -12.73 17.01
N LEU C 11 21.72 -11.71 16.37
CA LEU C 11 21.85 -10.36 16.87
C LEU C 11 21.01 -10.07 18.11
N LEU C 12 19.78 -10.57 18.11
CA LEU C 12 18.91 -10.38 19.25
C LEU C 12 19.50 -11.13 20.47
N ARG C 13 19.95 -12.37 20.26
CA ARG C 13 20.63 -13.15 21.30
C ARG C 13 21.85 -12.40 21.88
N TYR C 14 22.67 -11.81 21.01
CA TYR C 14 23.81 -11.00 21.46
C TYR C 14 23.40 -9.85 22.36
N LEU C 15 22.42 -9.06 21.93
CA LEU C 15 21.99 -7.87 22.69
C LEU C 15 21.38 -8.19 24.04
N LEU C 16 20.73 -9.34 24.12
CA LEU C 16 20.22 -9.84 25.39
C LEU C 16 21.31 -10.40 26.35
N ASP C 17 22.45 -10.85 25.85
CA ASP C 17 23.52 -11.28 26.74
C ASP C 17 24.52 -10.20 27.06
N LYS C 18 24.65 -9.23 26.19
CA LYS C 18 25.67 -8.23 26.34
C LYS C 18 25.62 -7.49 27.65
N ASP C 19 26.79 -7.10 28.13
CA ASP C 19 26.93 -6.15 29.20
C ASP C 19 27.27 -6.76 30.53
N GLU D 8 -21.94 -6.78 -3.55
CA GLU D 8 -21.36 -5.51 -4.07
C GLU D 8 -21.25 -5.53 -5.60
N ASN D 9 -20.67 -4.48 -6.18
CA ASN D 9 -20.37 -4.46 -7.63
C ASN D 9 -21.59 -4.50 -8.57
N ALA D 10 -22.65 -3.82 -8.18
CA ALA D 10 -23.94 -3.90 -8.87
C ALA D 10 -23.94 -3.34 -10.29
N LEU D 11 -23.17 -2.28 -10.52
CA LEU D 11 -23.05 -1.67 -11.84
C LEU D 11 -22.31 -2.53 -12.84
N LEU D 12 -21.26 -3.19 -12.37
CA LEU D 12 -20.45 -4.01 -13.24
C LEU D 12 -21.23 -5.26 -13.64
N ARG D 13 -21.88 -5.91 -12.68
CA ARG D 13 -22.75 -7.06 -12.98
C ARG D 13 -23.81 -6.72 -14.03
N TYR D 14 -24.58 -5.67 -13.76
CA TYR D 14 -25.59 -5.23 -14.71
C TYR D 14 -24.99 -5.04 -16.12
N LEU D 15 -23.82 -4.42 -16.23
CA LEU D 15 -23.23 -4.20 -17.56
C LEU D 15 -22.79 -5.50 -18.22
N LEU D 16 -22.41 -6.48 -17.41
CA LEU D 16 -22.00 -7.78 -17.94
C LEU D 16 -23.15 -8.61 -18.55
N ASP D 17 -24.34 -8.61 -17.97
CA ASP D 17 -25.46 -9.35 -18.64
C ASP D 17 -26.55 -8.59 -19.39
N LYS D 18 -26.39 -7.28 -19.57
CA LYS D 18 -27.33 -6.52 -20.39
C LYS D 18 -27.24 -6.95 -21.87
N ASP D 19 -28.04 -6.31 -22.74
CA ASP D 19 -28.14 -6.62 -24.18
C ASP D 19 -28.81 -7.96 -24.43
C1 DEX E . 10.57 3.52 12.58
C2 DEX E . 10.83 4.67 13.33
C3 DEX E . 9.85 5.18 14.21
C4 DEX E . 8.62 4.50 14.31
C5 DEX E . 8.38 3.35 13.57
C6 DEX E . 7.11 2.73 13.75
C7 DEX E . 6.40 2.46 12.38
C8 DEX E . 7.39 1.82 11.38
C9 DEX E . 8.68 2.69 11.29
C10 DEX E . 9.34 2.79 12.69
C11 DEX E . 9.67 2.19 10.19
C12 DEX E . 9.01 2.02 8.81
C13 DEX E . 7.72 1.16 8.91
C14 DEX E . 6.78 1.81 9.97
C15 DEX E . 5.44 1.06 9.82
C16 DEX E . 5.41 0.75 8.28
C17 DEX E . 6.76 1.25 7.71
C18 DEX E . 8.08 -0.30 9.24
C19 DEX E . 9.72 1.40 13.28
C20 DEX E . 7.18 0.41 6.52
C21 DEX E . 8.06 1.10 5.49
C22 DEX E . 4.23 1.46 7.62
F1 DEX E . 8.26 3.99 10.96
O1 DEX E . 10.04 6.21 14.87
O2 DEX E . 10.27 0.93 10.58
O3 DEX E . 6.62 2.58 7.22
O4 DEX E . 6.84 -0.75 6.38
O5 DEX E . 8.78 0.09 4.79
C1 DEX F . -9.14 8.34 -17.60
C2 DEX F . -9.28 8.66 -18.95
C3 DEX F . -8.30 8.27 -19.87
C4 DEX F . -7.17 7.55 -19.43
C5 DEX F . -7.04 7.24 -18.08
C6 DEX F . -5.89 6.53 -17.67
C7 DEX F . -5.18 7.24 -16.49
C8 DEX F . -6.17 7.63 -15.37
C9 DEX F . -7.30 8.46 -16.01
C10 DEX F . -8.04 7.59 -17.09
C11 DEX F . -8.25 9.16 -14.97
C12 DEX F . -7.47 9.90 -13.83
C13 DEX F . -6.41 8.98 -13.20
C14 DEX F . -5.46 8.49 -14.31
C15 DEX F . -4.35 7.78 -13.50
C16 DEX F . -4.18 8.70 -12.27
C17 DEX F . -5.36 9.70 -12.31
C18 DEX F . -7.10 7.84 -12.38
C19 DEX F . -8.65 6.28 -16.58
C20 DEX F . -5.88 10.02 -10.93
C21 DEX F . -6.58 11.38 -10.70
C22 DEX F . -2.86 9.45 -12.39
F1 DEX F . -6.72 9.46 -16.64
O1 DEX F . -8.44 8.59 -21.07
O2 DEX F . -9.18 8.24 -14.38
O3 DEX F . -4.95 10.91 -12.91
O4 DEX F . -5.77 9.24 -10.00
O5 DEX F . -7.55 11.16 -9.65
#